data_2R2S
#
_entry.id   2R2S
#
_cell.length_a   52.304
_cell.length_b   144.508
_cell.length_c   50.300
_cell.angle_alpha   90.000
_cell.angle_beta   90.000
_cell.angle_gamma   90.000
#
_symmetry.space_group_name_H-M   'P 21 21 2'
#
loop_
_entity.id
_entity.type
_entity.pdbx_description
1 polymer "DNA (5'-D(*DAP*DTP*DTP*DAP*DGP*DTP*DT)-3')"
2 polymer "DNA (5'-D(P*DTP*DAP*DAP*DCP*DTP*DAP*DAP*DT)-3')"
3 polymer 'Reverse transcriptase'
4 non-polymer 'COBALT (III) ION'
5 non-polymer 'BLEOMYCIN B2'
6 water water
#
loop_
_entity_poly.entity_id
_entity_poly.type
_entity_poly.pdbx_seq_one_letter_code
_entity_poly.pdbx_strand_id
1 'polydeoxyribonucleotide' (DA)(DT)(DT)(DA)(DG)(DT)(DT) B
2 'polydeoxyribonucleotide' (DT)(DA)(DA)(DC)(DT)(DA)(DA)(DT) G
3 'polypeptide(L)'
;TWLSDFPQAWAETGGMGLAVRQAPLIIPLKATSTPVSIKQYPMSQEARLGIKPHIQRLLDQGILVPCQSPWNTPLLPVKK
PGTNDYRPVQDLREVNKRVEDIHPTVPNPYNLLSGLPPSHQWYTVLDLKDAFFCLRLHPTSQPLFAFEWRDPEMGISGQL
TWTRLPQGFKNSPTLFDEALHRDLADFRIQHPDLILLQYVDDLLLAATSELDCQQGTRALLQTLGNLGYRASAKKAQICQ
KQVKYLGYLLKEGQR
;
A
#
loop_
_chem_comp.id
_chem_comp.type
_chem_comp.name
_chem_comp.formula
3CO non-polymer 'COBALT (III) ION' 'Co 3'
BLB non-polymer 'BLEOMYCIN B2' 'C55 H85 N20 O21 S2 1'
DA DNA linking 2'-DEOXYADENOSINE-5'-MONOPHOSPHATE 'C10 H14 N5 O6 P'
DC DNA linking 2'-DEOXYCYTIDINE-5'-MONOPHOSPHATE 'C9 H14 N3 O7 P'
DG DNA linking 2'-DEOXYGUANOSINE-5'-MONOPHOSPHATE 'C10 H14 N5 O7 P'
DT DNA linking THYMIDINE-5'-MONOPHOSPHATE 'C10 H15 N2 O8 P'
#
# COMPACT_ATOMS: atom_id res chain seq x y z
N THR C 1 10.47 -21.74 -10.07
CA THR C 1 9.50 -22.15 -9.02
C THR C 1 9.40 -21.11 -7.91
N TRP C 2 9.36 -19.84 -8.29
CA TRP C 2 9.29 -18.75 -7.33
C TRP C 2 7.98 -18.66 -6.57
N LEU C 3 6.86 -18.68 -7.29
CA LEU C 3 5.57 -18.60 -6.64
C LEU C 3 5.45 -19.79 -5.67
N SER C 4 6.10 -20.89 -6.03
CA SER C 4 6.07 -22.11 -5.24
C SER C 4 6.68 -22.01 -3.85
N ASP C 5 7.97 -21.68 -3.79
CA ASP C 5 8.72 -21.62 -2.54
C ASP C 5 8.40 -20.47 -1.61
N PHE C 6 7.70 -19.46 -2.08
CA PHE C 6 7.39 -18.33 -1.23
C PHE C 6 5.91 -18.02 -1.28
N PRO C 7 5.11 -18.95 -0.76
CA PRO C 7 3.65 -18.82 -0.72
C PRO C 7 3.18 -17.58 0.02
N GLN C 8 3.77 -17.32 1.19
CA GLN C 8 3.36 -16.18 2.01
C GLN C 8 3.92 -14.87 1.49
N ALA C 9 4.75 -14.93 0.46
CA ALA C 9 5.36 -13.74 -0.11
C ALA C 9 4.52 -13.07 -1.18
N TRP C 10 3.65 -13.83 -1.83
CA TRP C 10 2.81 -13.30 -2.90
C TRP C 10 1.39 -13.01 -2.50
N ALA C 11 0.83 -11.93 -3.03
CA ALA C 11 -0.55 -11.55 -2.74
C ALA C 11 -1.48 -12.65 -3.26
N GLU C 12 -1.14 -13.16 -4.44
CA GLU C 12 -1.93 -14.21 -5.08
C GLU C 12 -2.21 -15.44 -4.22
N THR C 13 -1.23 -15.84 -3.41
CA THR C 13 -1.37 -17.03 -2.58
C THR C 13 -0.84 -16.91 -1.15
N GLY C 14 -0.71 -15.69 -0.67
CA GLY C 14 -0.21 -15.50 0.68
C GLY C 14 -1.30 -14.91 1.53
N GLY C 15 -2.29 -14.34 0.87
CA GLY C 15 -3.41 -13.74 1.58
C GLY C 15 -3.05 -12.35 2.03
N MET C 16 -4.06 -11.60 2.45
CA MET C 16 -3.87 -10.24 2.92
C MET C 16 -2.64 -10.08 3.82
N GLY C 17 -1.96 -8.93 3.67
CA GLY C 17 -0.78 -8.66 4.46
C GLY C 17 -1.09 -7.93 5.75
N LEU C 18 -0.04 -7.74 6.55
CA LEU C 18 -0.16 -7.07 7.82
C LEU C 18 1.24 -6.94 8.42
N ALA C 19 1.78 -5.74 8.39
CA ALA C 19 3.11 -5.49 8.93
C ALA C 19 3.02 -5.51 10.45
N VAL C 20 3.40 -6.64 11.02
CA VAL C 20 3.36 -6.87 12.46
C VAL C 20 4.39 -6.14 13.28
N ARG C 21 5.55 -5.89 12.69
CA ARG C 21 6.62 -5.21 13.42
C ARG C 21 6.26 -3.75 13.62
N GLN C 22 5.20 -3.29 12.97
CA GLN C 22 4.79 -1.90 13.09
C GLN C 22 3.70 -1.66 14.13
N ALA C 23 3.91 -0.63 14.96
CA ALA C 23 2.95 -0.27 15.99
C ALA C 23 1.82 0.53 15.36
N PRO C 24 0.58 0.36 15.82
CA PRO C 24 -0.53 1.13 15.22
C PRO C 24 -0.15 2.59 15.05
N LEU C 25 -0.36 3.11 13.84
CA LEU C 25 -0.03 4.51 13.56
C LEU C 25 -1.04 5.47 14.09
N ILE C 26 -0.56 6.53 14.72
CA ILE C 26 -1.40 7.59 15.26
C ILE C 26 -1.26 8.78 14.32
N ILE C 27 -2.37 9.38 13.92
CA ILE C 27 -2.32 10.52 13.01
C ILE C 27 -2.57 11.81 13.78
N PRO C 28 -1.51 12.61 14.00
CA PRO C 28 -1.58 13.88 14.73
C PRO C 28 -2.36 14.93 13.99
N LEU C 29 -3.28 15.58 14.71
CA LEU C 29 -4.07 16.63 14.11
C LEU C 29 -3.40 17.98 14.24
N LYS C 30 -3.89 18.95 13.48
CA LYS C 30 -3.33 20.28 13.57
C LYS C 30 -3.97 20.88 14.81
N ALA C 31 -3.26 21.78 15.47
CA ALA C 31 -3.76 22.38 16.68
C ALA C 31 -5.20 22.87 16.58
N THR C 32 -5.60 23.34 15.41
CA THR C 32 -6.94 23.88 15.23
C THR C 32 -7.90 22.98 14.50
N SER C 33 -7.51 21.73 14.25
CA SER C 33 -8.37 20.80 13.56
C SER C 33 -9.51 20.28 14.40
N THR C 34 -10.72 20.57 13.95
CA THR C 34 -11.93 20.13 14.62
C THR C 34 -12.65 19.28 13.59
N PRO C 35 -13.28 18.17 14.00
CA PRO C 35 -14.03 17.21 13.18
C PRO C 35 -14.88 17.78 12.06
N VAL C 36 -15.01 17.03 10.99
CA VAL C 36 -15.84 17.44 9.87
C VAL C 36 -16.66 16.25 9.43
N SER C 37 -17.98 16.39 9.45
CA SER C 37 -18.87 15.32 9.04
C SER C 37 -19.67 15.71 7.84
N ILE C 38 -19.23 15.23 6.69
CA ILE C 38 -19.91 15.49 5.43
C ILE C 38 -20.81 14.32 5.08
N LYS C 39 -22.11 14.60 4.97
CA LYS C 39 -23.12 13.59 4.65
C LYS C 39 -22.91 12.93 3.28
N GLN C 40 -23.03 11.62 3.25
CA GLN C 40 -22.87 10.83 2.02
C GLN C 40 -23.76 11.30 0.88
N TYR C 41 -23.21 11.26 -0.32
CA TYR C 41 -23.95 11.69 -1.50
C TYR C 41 -24.89 10.60 -1.99
N PRO C 42 -25.97 10.97 -2.69
CA PRO C 42 -26.89 9.95 -3.17
C PRO C 42 -26.14 9.05 -4.14
N MET C 43 -26.59 7.80 -4.28
CA MET C 43 -25.91 6.85 -5.15
C MET C 43 -26.89 5.92 -5.85
N SER C 44 -26.86 5.89 -7.18
CA SER C 44 -27.75 5.02 -7.93
C SER C 44 -27.57 3.61 -7.40
N GLN C 45 -28.64 2.84 -7.39
CA GLN C 45 -28.58 1.47 -6.91
C GLN C 45 -27.50 0.67 -7.63
N GLU C 46 -27.32 0.91 -8.92
CA GLU C 46 -26.29 0.20 -9.68
C GLU C 46 -24.93 0.46 -9.04
N ALA C 47 -24.64 1.73 -8.75
CA ALA C 47 -23.37 2.10 -8.14
C ALA C 47 -23.22 1.45 -6.76
N ARG C 48 -24.26 1.56 -5.94
CA ARG C 48 -24.19 0.97 -4.62
C ARG C 48 -23.92 -0.53 -4.74
N LEU C 49 -24.55 -1.17 -5.71
CA LEU C 49 -24.35 -2.61 -5.92
C LEU C 49 -22.95 -2.90 -6.45
N GLY C 50 -22.40 -1.97 -7.24
CA GLY C 50 -21.08 -2.16 -7.80
C GLY C 50 -19.95 -2.21 -6.78
N ILE C 51 -20.07 -1.44 -5.71
CA ILE C 51 -19.02 -1.42 -4.72
C ILE C 51 -19.27 -2.37 -3.54
N LYS C 52 -20.49 -2.87 -3.43
CA LYS C 52 -20.83 -3.79 -2.35
C LYS C 52 -19.83 -4.92 -2.13
N PRO C 53 -19.53 -5.70 -3.18
CA PRO C 53 -18.58 -6.82 -3.03
C PRO C 53 -17.29 -6.45 -2.26
N HIS C 54 -16.67 -5.34 -2.66
CA HIS C 54 -15.43 -4.88 -2.03
C HIS C 54 -15.62 -4.65 -0.54
N ILE C 55 -16.50 -3.70 -0.23
CA ILE C 55 -16.82 -3.37 1.16
C ILE C 55 -16.91 -4.66 1.96
N GLN C 56 -17.82 -5.51 1.53
CA GLN C 56 -18.06 -6.79 2.16
C GLN C 56 -16.77 -7.49 2.56
N ARG C 57 -15.99 -7.82 1.55
CA ARG C 57 -14.74 -8.52 1.79
C ARG C 57 -13.80 -7.75 2.70
N LEU C 58 -13.89 -6.43 2.69
CA LEU C 58 -13.04 -5.63 3.55
C LEU C 58 -13.48 -5.79 4.99
N LEU C 59 -14.79 -5.89 5.19
CA LEU C 59 -15.32 -6.07 6.53
C LEU C 59 -14.90 -7.45 7.02
N ASP C 60 -15.01 -8.41 6.10
CA ASP C 60 -14.66 -9.81 6.36
C ASP C 60 -13.19 -9.96 6.65
N GLN C 61 -12.40 -8.99 6.17
CA GLN C 61 -10.98 -9.03 6.39
C GLN C 61 -10.60 -8.20 7.61
N GLY C 62 -11.62 -7.69 8.29
CA GLY C 62 -11.41 -6.88 9.47
C GLY C 62 -10.71 -5.59 9.14
N ILE C 63 -10.71 -5.20 7.87
CA ILE C 63 -10.06 -3.96 7.49
C ILE C 63 -11.02 -2.80 7.65
N LEU C 64 -12.31 -3.11 7.60
CA LEU C 64 -13.34 -2.12 7.80
C LEU C 64 -14.16 -2.62 8.97
N VAL C 65 -14.44 -1.78 9.93
CA VAL C 65 -15.22 -2.22 11.08
C VAL C 65 -16.32 -1.23 11.39
N PRO C 66 -17.37 -1.69 12.07
CA PRO C 66 -18.46 -0.76 12.39
C PRO C 66 -18.00 0.26 13.43
N CYS C 67 -18.58 1.45 13.38
CA CYS C 67 -18.22 2.47 14.34
C CYS C 67 -19.22 3.59 14.41
N GLN C 68 -18.79 4.68 15.05
CA GLN C 68 -19.59 5.86 15.25
C GLN C 68 -18.64 7.03 15.52
N SER C 69 -18.44 7.87 14.52
CA SER C 69 -17.53 9.00 14.64
C SER C 69 -18.17 10.32 14.28
N PRO C 70 -17.62 11.43 14.79
CA PRO C 70 -18.12 12.78 14.52
C PRO C 70 -17.58 13.14 13.16
N TRP C 71 -16.62 12.34 12.70
CA TRP C 71 -16.02 12.52 11.40
C TRP C 71 -16.88 11.74 10.45
N ASN C 72 -16.74 12.03 9.17
CA ASN C 72 -17.46 11.34 8.14
C ASN C 72 -17.21 12.05 6.83
N THR C 73 -16.81 11.27 5.83
CA THR C 73 -16.55 11.82 4.52
C THR C 73 -17.22 10.95 3.47
N PRO C 74 -17.70 11.57 2.38
CA PRO C 74 -18.38 10.85 1.30
C PRO C 74 -17.60 9.75 0.64
N LEU C 75 -18.34 8.80 0.08
CA LEU C 75 -17.81 7.66 -0.63
C LEU C 75 -18.25 7.82 -2.09
N LEU C 76 -17.29 7.79 -3.01
CA LEU C 76 -17.57 7.95 -4.45
C LEU C 76 -17.31 6.71 -5.27
N PRO C 77 -18.28 6.31 -6.10
CA PRO C 77 -18.17 5.13 -6.98
C PRO C 77 -17.49 5.51 -8.30
N VAL C 78 -16.28 5.01 -8.51
CA VAL C 78 -15.53 5.29 -9.72
C VAL C 78 -15.36 4.07 -10.61
N LYS C 79 -15.16 4.31 -11.90
CA LYS C 79 -15.00 3.24 -12.86
C LYS C 79 -13.90 3.59 -13.86
N LYS C 80 -13.53 2.61 -14.68
CA LYS C 80 -12.47 2.79 -15.69
C LYS C 80 -12.97 2.65 -17.13
N PRO C 81 -13.74 1.59 -17.45
CA PRO C 81 -14.28 1.35 -18.79
C PRO C 81 -15.16 2.51 -19.22
N GLY C 82 -16.21 2.21 -19.98
CA GLY C 82 -17.12 3.25 -20.39
C GLY C 82 -17.58 3.95 -19.13
N THR C 83 -18.03 3.13 -18.17
CA THR C 83 -18.50 3.63 -16.88
C THR C 83 -18.95 2.49 -15.96
N ASN C 84 -18.90 1.26 -16.48
CA ASN C 84 -19.32 0.10 -15.68
C ASN C 84 -18.18 -0.27 -14.71
N ASP C 85 -18.36 -1.39 -14.00
CA ASP C 85 -17.38 -1.85 -13.02
C ASP C 85 -16.85 -0.74 -12.13
N TYR C 86 -17.51 -0.56 -10.99
CA TYR C 86 -17.17 0.48 -10.01
C TYR C 86 -16.22 0.04 -8.91
N ARG C 87 -15.62 1.05 -8.28
CA ARG C 87 -14.67 0.85 -7.19
C ARG C 87 -14.93 1.92 -6.14
N PRO C 88 -15.04 1.52 -4.87
CA PRO C 88 -15.29 2.55 -3.88
C PRO C 88 -14.08 3.48 -3.73
N VAL C 89 -14.33 4.78 -3.71
CA VAL C 89 -13.27 5.74 -3.57
C VAL C 89 -13.75 6.80 -2.61
N GLN C 90 -13.05 6.94 -1.50
CA GLN C 90 -13.41 7.91 -0.48
C GLN C 90 -12.69 9.23 -0.69
N ASP C 91 -13.43 10.31 -0.50
CA ASP C 91 -12.91 11.66 -0.64
C ASP C 91 -12.42 12.14 0.72
N LEU C 92 -11.14 11.95 1.00
CA LEU C 92 -10.57 12.33 2.27
C LEU C 92 -9.99 13.73 2.27
N ARG C 93 -10.17 14.45 1.18
CA ARG C 93 -9.58 15.77 1.12
C ARG C 93 -9.77 16.68 2.34
N GLU C 94 -10.94 16.64 2.98
CA GLU C 94 -11.14 17.50 4.14
C GLU C 94 -10.35 17.01 5.34
N VAL C 95 -10.23 15.70 5.46
CA VAL C 95 -9.46 15.12 6.57
C VAL C 95 -8.00 15.50 6.37
N ASN C 96 -7.49 15.34 5.16
CA ASN C 96 -6.12 15.69 4.90
C ASN C 96 -5.86 17.13 5.33
N LYS C 97 -6.81 18.00 5.03
CA LYS C 97 -6.69 19.41 5.37
C LYS C 97 -6.49 19.62 6.86
N ARG C 98 -7.16 18.80 7.67
CA ARG C 98 -7.10 18.92 9.11
C ARG C 98 -6.05 18.04 9.78
N VAL C 99 -5.25 17.36 8.98
CA VAL C 99 -4.24 16.50 9.54
C VAL C 99 -2.88 17.18 9.54
N GLU C 100 -2.05 16.82 10.51
CA GLU C 100 -0.72 17.40 10.62
C GLU C 100 0.26 16.86 9.57
N ASP C 101 1.02 17.78 9.00
CA ASP C 101 2.01 17.42 7.97
C ASP C 101 3.19 16.67 8.55
N ILE C 102 4.02 16.12 7.67
CA ILE C 102 5.21 15.43 8.11
C ILE C 102 6.25 15.61 7.03
N HIS C 103 7.53 15.51 7.39
CA HIS C 103 8.61 15.67 6.43
C HIS C 103 8.67 14.56 5.36
N PRO C 104 8.53 14.93 4.07
CA PRO C 104 8.56 13.95 2.97
C PRO C 104 9.90 13.21 2.88
N THR C 105 10.00 12.07 3.56
CA THR C 105 11.23 11.30 3.55
C THR C 105 11.50 10.59 2.23
N VAL C 106 10.44 10.34 1.46
CA VAL C 106 10.60 9.65 0.18
C VAL C 106 11.47 10.44 -0.80
N PRO C 107 12.54 9.82 -1.32
CA PRO C 107 13.46 10.47 -2.27
C PRO C 107 12.88 10.39 -3.68
N ASN C 108 12.84 11.51 -4.38
CA ASN C 108 12.29 11.49 -5.72
C ASN C 108 13.07 10.49 -6.57
N PRO C 109 12.38 9.80 -7.48
CA PRO C 109 12.93 8.78 -8.39
C PRO C 109 14.31 9.05 -8.96
N TYR C 110 14.51 10.20 -9.58
CA TYR C 110 15.80 10.52 -10.18
C TYR C 110 16.98 10.33 -9.24
N ASN C 111 17.00 11.06 -8.12
CA ASN C 111 18.11 10.93 -7.19
C ASN C 111 18.14 9.51 -6.61
N LEU C 112 16.98 8.88 -6.57
CA LEU C 112 16.88 7.52 -6.06
C LEU C 112 17.71 6.58 -6.94
N LEU C 113 17.68 6.78 -8.24
CA LEU C 113 18.45 5.96 -9.19
C LEU C 113 19.94 6.33 -9.15
N SER C 114 20.23 7.56 -8.72
CA SER C 114 21.61 8.03 -8.63
C SER C 114 22.46 7.05 -7.86
N GLY C 115 21.92 6.57 -6.75
CA GLY C 115 22.65 5.63 -5.94
C GLY C 115 22.66 4.25 -6.55
N LEU C 116 22.93 4.14 -7.84
CA LEU C 116 22.93 2.83 -8.48
C LEU C 116 24.16 2.58 -9.34
N PRO C 117 25.07 1.70 -8.87
CA PRO C 117 26.31 1.30 -9.52
C PRO C 117 26.09 0.44 -10.75
N PRO C 118 26.94 0.61 -11.78
CA PRO C 118 26.87 -0.13 -13.04
C PRO C 118 27.28 -1.58 -12.80
N SER C 119 28.12 -1.74 -11.79
CA SER C 119 28.62 -3.05 -11.39
C SER C 119 27.50 -4.09 -11.24
N HIS C 120 26.30 -3.63 -10.87
CA HIS C 120 25.15 -4.51 -10.68
C HIS C 120 24.22 -4.47 -11.87
N GLN C 121 24.37 -5.45 -12.73
CA GLN C 121 23.59 -5.55 -13.96
C GLN C 121 22.38 -6.44 -13.89
N TRP C 122 22.22 -7.14 -12.78
CA TRP C 122 21.09 -8.03 -12.62
C TRP C 122 20.01 -7.45 -11.74
N TYR C 123 18.80 -7.39 -12.30
CA TYR C 123 17.67 -6.78 -11.63
C TYR C 123 16.48 -7.67 -11.28
N THR C 124 15.72 -7.24 -10.28
CA THR C 124 14.50 -7.89 -9.82
C THR C 124 13.61 -6.76 -9.38
N VAL C 125 12.37 -6.73 -9.84
CA VAL C 125 11.47 -5.68 -9.46
C VAL C 125 10.16 -6.22 -8.91
N LEU C 126 9.85 -5.79 -7.70
CA LEU C 126 8.64 -6.21 -7.03
C LEU C 126 7.81 -4.99 -6.69
N ASP C 127 6.52 -5.21 -6.54
CA ASP C 127 5.59 -4.16 -6.17
C ASP C 127 4.62 -4.83 -5.22
N LEU C 128 4.40 -4.21 -4.07
CA LEU C 128 3.54 -4.77 -3.05
C LEU C 128 2.06 -4.55 -3.35
N LYS C 129 1.24 -5.57 -3.08
CA LYS C 129 -0.18 -5.50 -3.34
C LYS C 129 -0.90 -5.01 -2.08
N ASP C 130 -1.58 -3.88 -2.20
CA ASP C 130 -2.31 -3.25 -1.10
C ASP C 130 -1.35 -2.85 -0.01
N ALA C 131 -0.25 -2.26 -0.43
CA ALA C 131 0.78 -1.82 0.49
C ALA C 131 0.24 -1.21 1.78
N PHE C 132 -0.57 -0.16 1.67
CA PHE C 132 -1.12 0.54 2.81
C PHE C 132 -1.87 -0.30 3.82
N PHE C 133 -2.72 -1.20 3.34
CA PHE C 133 -3.46 -2.05 4.26
C PHE C 133 -2.62 -2.91 5.17
N CYS C 134 -1.32 -2.97 4.91
CA CYS C 134 -0.44 -3.77 5.77
C CYS C 134 -0.08 -3.02 7.04
N LEU C 135 -0.40 -1.74 7.09
CA LEU C 135 -0.09 -0.94 8.28
C LEU C 135 -1.33 -0.64 9.14
N ARG C 136 -1.28 -1.08 10.39
CA ARG C 136 -2.38 -0.88 11.31
C ARG C 136 -2.55 0.57 11.77
N LEU C 137 -3.81 0.95 11.98
CA LEU C 137 -4.15 2.28 12.45
C LEU C 137 -4.47 2.23 13.93
N HIS C 138 -3.95 3.17 14.69
CA HIS C 138 -4.24 3.19 16.11
C HIS C 138 -5.69 3.59 16.32
N PRO C 139 -6.41 2.87 17.20
CA PRO C 139 -7.83 3.11 17.53
C PRO C 139 -8.15 4.58 17.68
N THR C 140 -7.28 5.30 18.38
CA THR C 140 -7.49 6.70 18.55
C THR C 140 -7.71 7.40 17.20
N SER C 141 -6.87 7.11 16.21
CA SER C 141 -6.96 7.76 14.91
C SER C 141 -7.92 7.15 13.92
N GLN C 142 -8.35 5.93 14.17
CA GLN C 142 -9.28 5.30 13.27
C GLN C 142 -10.54 6.13 12.97
N PRO C 143 -11.05 6.87 13.96
CA PRO C 143 -12.26 7.64 13.69
C PRO C 143 -12.20 8.64 12.57
N LEU C 144 -11.00 9.13 12.27
CA LEU C 144 -10.84 10.12 11.20
C LEU C 144 -11.31 9.70 9.83
N PHE C 145 -11.26 8.42 9.53
CA PHE C 145 -11.60 7.97 8.20
C PHE C 145 -12.96 7.34 8.01
N ALA C 146 -13.82 7.43 9.02
CA ALA C 146 -15.14 6.84 8.93
C ALA C 146 -15.91 7.41 7.76
N PHE C 147 -16.86 6.63 7.26
CA PHE C 147 -17.72 7.05 6.17
C PHE C 147 -19.00 6.30 6.38
N GLU C 148 -20.08 6.78 5.81
CA GLU C 148 -21.37 6.14 5.99
C GLU C 148 -21.68 5.12 4.91
N TRP C 149 -22.03 3.92 5.33
CA TRP C 149 -22.39 2.84 4.42
C TRP C 149 -23.83 2.42 4.61
N ARG C 150 -24.65 2.71 3.62
CA ARG C 150 -26.07 2.37 3.69
C ARG C 150 -26.43 1.30 2.66
N ASP C 151 -27.70 1.28 2.29
CA ASP C 151 -28.25 0.35 1.30
C ASP C 151 -29.77 0.40 1.44
N PRO C 152 -30.42 1.36 0.74
CA PRO C 152 -31.88 1.48 0.79
C PRO C 152 -32.56 0.19 0.33
N GLU C 153 -31.82 -0.60 -0.46
CA GLU C 153 -32.30 -1.89 -0.96
C GLU C 153 -31.59 -2.99 -0.17
N MET C 154 -31.88 -3.00 1.14
CA MET C 154 -31.33 -3.94 2.13
C MET C 154 -30.99 -3.09 3.37
N GLY C 155 -31.93 -3.02 4.31
CA GLY C 155 -31.76 -2.24 5.54
C GLY C 155 -30.36 -1.69 5.79
N ILE C 156 -29.40 -2.60 5.93
CA ILE C 156 -27.99 -2.31 6.16
C ILE C 156 -27.57 -1.29 7.25
N SER C 157 -26.39 -1.56 7.81
CA SER C 157 -25.72 -0.80 8.89
C SER C 157 -25.78 0.74 8.83
N GLY C 158 -24.61 1.39 8.96
CA GLY C 158 -24.56 2.84 8.94
C GLY C 158 -23.17 3.42 8.70
N GLN C 159 -22.44 3.68 9.78
CA GLN C 159 -21.10 4.26 9.68
C GLN C 159 -19.98 3.25 9.94
N LEU C 160 -19.01 3.17 9.03
CA LEU C 160 -17.87 2.25 9.13
C LEU C 160 -16.52 2.96 8.93
N THR C 161 -15.45 2.43 9.51
CA THR C 161 -14.14 3.05 9.34
C THR C 161 -13.04 2.01 9.11
N TRP C 162 -11.82 2.49 8.91
CA TRP C 162 -10.67 1.63 8.62
C TRP C 162 -9.85 1.27 9.82
N THR C 163 -9.24 0.10 9.76
CA THR C 163 -8.41 -0.40 10.84
C THR C 163 -6.95 -0.44 10.40
N ARG C 164 -6.72 -0.05 9.14
CA ARG C 164 -5.41 -0.02 8.52
C ARG C 164 -5.24 1.28 7.74
N LEU C 165 -3.99 1.66 7.46
CA LEU C 165 -3.70 2.89 6.73
C LEU C 165 -4.48 2.85 5.42
N PRO C 166 -5.34 3.86 5.17
CA PRO C 166 -6.18 3.96 3.98
C PRO C 166 -5.68 4.68 2.72
N GLN C 167 -6.34 4.36 1.61
CA GLN C 167 -6.06 4.96 0.31
C GLN C 167 -6.57 6.39 0.33
N GLY C 168 -5.88 7.27 -0.38
CA GLY C 168 -6.32 8.66 -0.42
C GLY C 168 -5.91 9.53 0.75
N PHE C 169 -5.12 8.97 1.66
CA PHE C 169 -4.65 9.73 2.81
C PHE C 169 -3.29 10.32 2.42
N LYS C 170 -3.21 11.64 2.43
CA LYS C 170 -1.99 12.35 2.03
C LYS C 170 -0.68 11.95 2.67
N ASN C 171 -0.68 11.08 3.67
CA ASN C 171 0.58 10.72 4.31
C ASN C 171 0.82 9.24 4.28
N SER C 172 -0.10 8.51 3.69
CA SER C 172 0.05 7.06 3.65
C SER C 172 1.33 6.67 2.95
N PRO C 173 1.63 7.34 1.82
CA PRO C 173 2.83 7.07 1.03
C PRO C 173 4.11 7.24 1.83
N THR C 174 4.22 8.37 2.50
CA THR C 174 5.38 8.68 3.30
C THR C 174 5.44 7.76 4.51
N LEU C 175 4.32 7.61 5.20
CA LEU C 175 4.28 6.76 6.38
C LEU C 175 4.67 5.33 6.00
N PHE C 176 4.22 4.86 4.85
CA PHE C 176 4.55 3.51 4.42
C PHE C 176 6.03 3.31 4.12
N ASP C 177 6.62 4.29 3.45
CA ASP C 177 8.03 4.24 3.09
C ASP C 177 8.84 4.03 4.35
N GLU C 178 8.71 4.99 5.27
CA GLU C 178 9.43 4.93 6.53
C GLU C 178 9.31 3.53 7.14
N ALA C 179 8.09 3.02 7.20
CA ALA C 179 7.83 1.71 7.76
C ALA C 179 8.66 0.63 7.09
N LEU C 180 8.57 0.57 5.77
CA LEU C 180 9.31 -0.43 5.03
C LEU C 180 10.83 -0.26 5.15
N HIS C 181 11.29 0.98 5.15
CA HIS C 181 12.72 1.19 5.28
C HIS C 181 13.15 0.62 6.64
N ARG C 182 12.30 0.79 7.66
CA ARG C 182 12.60 0.27 8.99
C ARG C 182 12.66 -1.24 8.95
N ASP C 183 11.68 -1.86 8.31
CA ASP C 183 11.60 -3.30 8.22
C ASP C 183 12.59 -4.00 7.29
N LEU C 184 13.21 -3.25 6.38
CA LEU C 184 14.16 -3.89 5.49
C LEU C 184 15.59 -3.55 5.84
N ALA C 185 15.79 -2.94 6.99
CA ALA C 185 17.12 -2.56 7.46
C ALA C 185 17.97 -3.80 7.71
N ASP C 186 17.43 -4.74 8.47
CA ASP C 186 18.17 -5.95 8.78
C ASP C 186 18.63 -6.70 7.53
N PHE C 187 17.81 -6.64 6.49
CA PHE C 187 18.12 -7.29 5.24
C PHE C 187 19.31 -6.58 4.61
N ARG C 188 19.21 -5.26 4.49
CA ARG C 188 20.29 -4.46 3.90
C ARG C 188 21.62 -4.82 4.55
N ILE C 189 21.59 -5.03 5.85
CA ILE C 189 22.78 -5.37 6.60
C ILE C 189 23.28 -6.76 6.29
N GLN C 190 22.38 -7.73 6.23
CA GLN C 190 22.77 -9.11 5.95
C GLN C 190 23.19 -9.40 4.52
N HIS C 191 23.04 -8.41 3.63
CA HIS C 191 23.40 -8.57 2.22
C HIS C 191 24.04 -7.28 1.74
N PRO C 192 25.24 -6.98 2.24
CA PRO C 192 25.99 -5.78 1.87
C PRO C 192 26.30 -5.74 0.40
N ASP C 193 26.33 -6.92 -0.21
CA ASP C 193 26.63 -7.07 -1.63
C ASP C 193 25.45 -6.88 -2.60
N LEU C 194 24.37 -6.28 -2.13
CA LEU C 194 23.21 -6.04 -2.98
C LEU C 194 22.77 -4.59 -2.90
N ILE C 195 21.97 -4.15 -3.86
CA ILE C 195 21.49 -2.79 -3.85
C ILE C 195 19.98 -2.85 -3.85
N LEU C 196 19.36 -2.30 -2.81
CA LEU C 196 17.93 -2.33 -2.75
C LEU C 196 17.40 -0.93 -2.91
N LEU C 197 16.59 -0.76 -3.95
CA LEU C 197 15.98 0.53 -4.23
C LEU C 197 14.58 0.44 -3.71
N GLN C 198 14.22 1.45 -2.93
CA GLN C 198 12.93 1.48 -2.30
C GLN C 198 12.21 2.78 -2.57
N TYR C 199 11.00 2.65 -3.10
CA TYR C 199 10.19 3.82 -3.37
C TYR C 199 8.77 3.41 -3.08
N VAL C 200 8.39 3.54 -1.82
CA VAL C 200 7.05 3.17 -1.40
C VAL C 200 6.80 1.67 -1.68
N ASP C 201 5.78 1.37 -2.50
CA ASP C 201 5.43 -0.01 -2.82
C ASP C 201 6.35 -0.63 -3.86
N ASP C 202 7.10 0.22 -4.57
CA ASP C 202 7.98 -0.23 -5.64
C ASP C 202 9.41 -0.48 -5.23
N LEU C 203 9.81 -1.75 -5.32
CA LEU C 203 11.14 -2.20 -4.93
C LEU C 203 12.03 -2.68 -6.07
N LEU C 204 13.32 -2.48 -5.89
CA LEU C 204 14.28 -2.90 -6.88
C LEU C 204 15.54 -3.41 -6.23
N LEU C 205 15.89 -4.64 -6.57
CA LEU C 205 17.08 -5.28 -6.03
C LEU C 205 18.03 -5.44 -7.18
N ALA C 206 19.31 -5.19 -6.95
CA ALA C 206 20.29 -5.33 -8.03
C ALA C 206 21.56 -5.99 -7.52
N ALA C 207 22.05 -6.96 -8.30
CA ALA C 207 23.27 -7.68 -7.94
C ALA C 207 24.22 -7.83 -9.11
N THR C 208 25.44 -8.26 -8.78
CA THR C 208 26.50 -8.47 -9.77
C THR C 208 26.26 -9.67 -10.66
N SER C 209 26.08 -10.83 -10.04
CA SER C 209 25.84 -12.06 -10.79
C SER C 209 24.39 -12.49 -10.74
N GLU C 210 23.89 -13.05 -11.83
CA GLU C 210 22.52 -13.50 -11.86
C GLU C 210 22.33 -14.52 -10.76
N LEU C 211 23.43 -15.13 -10.30
CA LEU C 211 23.34 -16.11 -9.22
C LEU C 211 22.99 -15.40 -7.92
N ASP C 212 23.71 -14.34 -7.61
CA ASP C 212 23.44 -13.58 -6.41
C ASP C 212 22.01 -13.05 -6.50
N CYS C 213 21.73 -12.39 -7.62
CA CYS C 213 20.41 -11.82 -7.83
C CYS C 213 19.29 -12.76 -7.40
N GLN C 214 19.44 -14.05 -7.69
CA GLN C 214 18.42 -15.04 -7.33
C GLN C 214 18.44 -15.38 -5.86
N GLN C 215 19.64 -15.56 -5.32
CA GLN C 215 19.79 -15.87 -3.91
C GLN C 215 19.25 -14.65 -3.14
N GLY C 216 19.51 -13.46 -3.69
CA GLY C 216 19.05 -12.23 -3.08
C GLY C 216 17.55 -12.17 -3.09
N THR C 217 16.95 -12.42 -4.25
CA THR C 217 15.50 -12.39 -4.40
C THR C 217 14.79 -13.30 -3.40
N ARG C 218 15.40 -14.43 -3.07
CA ARG C 218 14.82 -15.37 -2.14
C ARG C 218 14.83 -14.82 -0.71
N ALA C 219 16.01 -14.39 -0.27
CA ALA C 219 16.15 -13.82 1.07
C ALA C 219 15.08 -12.72 1.18
N LEU C 220 15.01 -11.88 0.15
CA LEU C 220 14.05 -10.79 0.10
C LEU C 220 12.60 -11.26 0.18
N LEU C 221 12.23 -12.18 -0.70
CA LEU C 221 10.89 -12.73 -0.74
C LEU C 221 10.57 -13.38 0.59
N GLN C 222 11.52 -14.15 1.11
CA GLN C 222 11.32 -14.80 2.38
C GLN C 222 11.07 -13.73 3.44
N THR C 223 11.86 -12.65 3.40
CA THR C 223 11.72 -11.59 4.36
C THR C 223 10.40 -10.84 4.27
N LEU C 224 10.03 -10.47 3.06
CA LEU C 224 8.77 -9.75 2.84
C LEU C 224 7.63 -10.54 3.40
N GLY C 225 7.50 -11.77 2.92
CA GLY C 225 6.44 -12.63 3.39
C GLY C 225 6.50 -12.74 4.89
N ASN C 226 7.70 -12.88 5.43
CA ASN C 226 7.88 -12.98 6.88
C ASN C 226 7.32 -11.78 7.61
N LEU C 227 7.84 -10.61 7.28
CA LEU C 227 7.41 -9.37 7.88
C LEU C 227 5.93 -9.06 7.74
N GLY C 228 5.28 -9.64 6.73
CA GLY C 228 3.86 -9.41 6.53
C GLY C 228 3.46 -8.70 5.25
N TYR C 229 4.38 -8.57 4.31
CA TYR C 229 4.08 -7.90 3.05
C TYR C 229 3.87 -8.90 1.93
N ARG C 230 3.10 -8.48 0.93
CA ARG C 230 2.79 -9.32 -0.22
C ARG C 230 3.10 -8.53 -1.46
N ALA C 231 3.70 -9.19 -2.44
CA ALA C 231 4.06 -8.57 -3.70
C ALA C 231 3.26 -9.22 -4.81
N SER C 232 2.86 -8.43 -5.81
CA SER C 232 2.08 -8.98 -6.91
C SER C 232 2.95 -9.84 -7.81
N ALA C 233 2.86 -11.16 -7.63
CA ALA C 233 3.62 -12.10 -8.44
C ALA C 233 3.27 -11.85 -9.89
N LYS C 234 2.02 -11.50 -10.12
CA LYS C 234 1.51 -11.22 -11.45
C LYS C 234 2.49 -10.30 -12.20
N LYS C 235 2.44 -9.02 -11.88
CA LYS C 235 3.30 -8.03 -12.49
C LYS C 235 4.69 -7.92 -11.83
N ALA C 236 5.41 -9.04 -11.76
CA ALA C 236 6.74 -9.04 -11.16
C ALA C 236 7.84 -9.32 -12.20
N GLN C 237 9.06 -8.89 -11.91
CA GLN C 237 10.19 -9.06 -12.82
C GLN C 237 11.34 -9.64 -12.03
N ILE C 238 11.74 -10.85 -12.37
CA ILE C 238 12.80 -11.50 -11.64
C ILE C 238 14.08 -11.79 -12.43
N CYS C 239 15.20 -11.40 -11.84
CA CYS C 239 16.53 -11.58 -12.39
C CYS C 239 16.57 -11.30 -13.89
N GLN C 240 16.88 -10.06 -14.24
CA GLN C 240 16.95 -9.63 -15.64
C GLN C 240 18.07 -8.61 -15.72
N LYS C 241 18.39 -8.16 -16.93
CA LYS C 241 19.44 -7.16 -17.08
C LYS C 241 18.76 -5.98 -17.73
N GLN C 242 17.48 -6.19 -18.01
CA GLN C 242 16.63 -5.18 -18.59
C GLN C 242 15.30 -5.31 -17.86
N VAL C 243 14.98 -4.29 -17.06
CA VAL C 243 13.76 -4.27 -16.28
C VAL C 243 13.22 -2.84 -16.23
N LYS C 244 11.90 -2.71 -16.32
CA LYS C 244 11.23 -1.42 -16.27
C LYS C 244 10.94 -1.09 -14.80
N TYR C 245 11.47 0.03 -14.32
CA TYR C 245 11.28 0.42 -12.92
C TYR C 245 11.02 1.91 -12.79
N LEU C 246 10.04 2.26 -11.97
CA LEU C 246 9.66 3.65 -11.74
C LEU C 246 9.51 4.47 -13.01
N GLY C 247 9.20 3.80 -14.12
CA GLY C 247 9.03 4.52 -15.36
C GLY C 247 10.29 4.68 -16.17
N TYR C 248 11.36 4.06 -15.71
CA TYR C 248 12.62 4.11 -16.43
C TYR C 248 12.88 2.71 -16.92
N LEU C 249 13.54 2.59 -18.06
CA LEU C 249 13.87 1.27 -18.57
C LEU C 249 15.33 1.06 -18.24
N LEU C 250 15.62 0.04 -17.46
CA LEU C 250 16.98 -0.24 -17.08
C LEU C 250 17.58 -1.27 -18.00
N LYS C 251 18.56 -0.84 -18.78
CA LYS C 251 19.24 -1.69 -19.73
C LYS C 251 20.74 -1.42 -19.61
N GLU C 252 21.46 -2.35 -19.01
CA GLU C 252 22.91 -2.19 -18.83
C GLU C 252 23.20 -0.94 -18.00
N GLY C 253 22.15 -0.28 -17.53
CA GLY C 253 22.32 0.91 -16.73
C GLY C 253 21.90 2.17 -17.46
N GLN C 254 20.91 2.02 -18.36
CA GLN C 254 20.43 3.15 -19.12
C GLN C 254 19.12 3.63 -18.52
N ARG C 255 18.88 4.94 -18.60
CA ARG C 255 17.70 5.53 -18.01
C ARG C 255 17.82 5.27 -16.51
CO 3CO D . -3.07 22.01 -17.59
NA BLB E . -3.57 18.17 -20.08
C2 BLB E . -4.74 19.47 -18.23
C1 BLB E . -4.55 18.94 -19.73
O1 BLB E . -5.31 19.25 -20.54
NC BLB E . -5.32 21.93 -17.93
C3 BLB E . -5.69 20.57 -17.99
NB BLB E . -3.58 19.93 -17.57
ND BLB E . -9.14 24.17 -18.53
C5 BLB E . -7.31 23.54 -17.20
C4 BLB E . -7.92 23.90 -18.67
O4 BLB E . -7.92 22.93 -19.47
C8 BLB E . -4.78 22.60 -13.10
C9 BLB E . -3.48 21.91 -13.03
C10 BLB E . -2.90 21.65 -14.49
NG BLB E . -3.62 22.07 -15.80
C7 BLB E . -4.98 22.78 -15.66
NE BLB E . -5.53 23.01 -14.30
C6 BLB E . -5.76 23.18 -17.18
NF BLB E . -5.39 22.87 -11.99
CA BLB E . -2.84 21.54 -11.63
C12 BLB E . -1.68 20.99 -14.80
O12 BLB E . -0.90 20.55 -13.94
NH BLB E . -1.56 20.92 -16.26
C13 BLB E . -0.19 20.17 -16.78
C30 BLB E . 0.99 20.93 -16.65
O30 BLB E . 2.04 20.25 -17.07
C14 BLB E . -0.30 19.68 -18.34
C27 BLB E . -1.21 20.46 -19.36
OH1 BLB E . -0.68 18.31 -18.10
NJ BLB E . -2.21 21.29 -19.18
C28 BLB E . -1.09 20.37 -20.78
C29 BLB E . -2.72 21.72 -20.29
NI BLB E . -2.04 21.17 -21.34
NK BLB E . 0.96 22.21 -17.41
C34 BLB E . 0.07 24.35 -19.40
C36 BLB E . -1.06 25.07 -20.11
O36 BLB E . -0.80 26.17 -20.54
OH2 BLB E . 0.83 25.81 -17.76
C31 BLB E . 0.90 23.73 -17.17
CB BLB E . 2.21 23.81 -16.64
C33 BLB E . 0.91 24.65 -18.38
CC BLB E . 0.92 23.88 -20.41
NL BLB E . -2.43 24.83 -20.44
C37 BLB E . -3.71 25.65 -20.32
C40 BLB E . -4.08 26.42 -19.08
O40 BLB E . -3.22 26.31 -18.17
C38 BLB E . -4.55 25.57 -21.57
OH3 BLB E . -3.97 24.86 -22.40
CD BLB E . -4.70 26.64 -22.26
NM BLB E . -5.06 27.22 -18.57
C42 BLB E . -5.97 28.88 -16.67
C49 BLB E . -14.42 31.04 -15.21
O49 BLB E . -14.66 30.57 -16.36
C43 BLB E . -7.30 29.30 -16.21
C41 BLB E . -5.83 27.68 -17.51
S43 BLB E . -8.34 28.95 -17.49
C44 BLB E . -9.62 29.55 -16.60
C45 BLB E . -9.44 30.06 -15.31
NN BLB E . -7.89 29.93 -14.96
C47 BLB E . -12.46 31.52 -13.24
C48 BLB E . -13.09 31.11 -14.44
NO BLB E . -12.11 30.55 -15.32
C46 BLB E . -10.76 30.58 -14.67
S46 BLB E . -10.79 31.26 -13.14
NP BLB E . -15.39 31.63 -14.32
C50 BLB E . -16.21 32.88 -14.55
C51 BLB E . -17.13 33.15 -13.32
C52 BLB E . -17.06 34.52 -12.66
C53 BLB E . -15.82 34.66 -11.72
C54 BLB E . -13.87 36.41 -11.02
NR BLB E . -15.05 36.01 -11.76
NS BLB E . -13.80 37.49 -10.07
NT BLB E . -12.72 35.65 -11.26
O59 BLB E . -0.87 13.85 -19.07
O58 BLB E . -2.99 16.68 -17.88
C61 BLB E . -0.59 15.40 -21.44
O61 BLB E . 0.11 16.47 -22.08
O56 BLB E . -1.01 16.62 -15.82
C60 BLB E . -0.95 16.00 -20.04
O62 BLB E . 0.24 16.45 -19.30
C63 BLB E . 0.02 17.05 -17.99
C57 BLB E . -0.76 16.04 -17.09
C58 BLB E . -2.09 15.58 -17.79
C59 BLB E . -1.74 14.96 -19.19
C69 BLB E . -2.69 16.11 -14.20
C68 BLB E . -2.59 17.53 -13.58
C67 BLB E . -1.54 17.51 -12.45
C65 BLB E . -0.18 17.09 -13.08
O64 BLB E . -0.31 15.80 -13.73
C64 BLB E . -1.29 15.69 -14.77
O68 BLB E . -3.87 17.93 -13.02
O67 BLB E . -1.42 18.78 -11.86
O69 BLB E . -3.05 15.20 -13.16
NQ BLB E . -5.91 18.73 -13.13
C70 BLB E . -4.82 18.41 -13.87
O70 BLB E . -4.70 18.54 -15.07
O66 BLB E . 2.12 16.62 -12.66
C66 BLB E . 0.93 17.02 -12.00
#